data_1OO7
#
_entry.id   1OO7
#
_cell.length_a   1.000
_cell.length_b   1.000
_cell.length_c   1.000
_cell.angle_alpha   90.00
_cell.angle_beta   90.00
_cell.angle_gamma   90.00
#
_symmetry.space_group_name_H-M   'P 1'
#
loop_
_entity.id
_entity.type
_entity.pdbx_description
1 polymer "5'-R(*GP*AP*AP*GP*AP*GP*AP*AP*GP*C)-3'"
2 polymer "5'-D(*GP*(5PC)P*(PDU)P*(PDU)P*(5PC)P*(PDU)P*(5PC)P*(PDU)P*(PDU)P*C)-3'"
#
loop_
_entity_poly.entity_id
_entity_poly.type
_entity_poly.pdbx_seq_one_letter_code
_entity_poly.pdbx_strand_id
1 'polyribonucleotide' GAAGAGAAGC A
2 'polydeoxyribonucleotide' (DG)(5PC)(PDU)(PDU)(5PC)(PDU)(5PC)(PDU)(PDU)(DC) B
#